data_4ANN
#
_entry.id   4ANN
#
_cell.length_a   38.704
_cell.length_b   58.646
_cell.length_c   95.273
_cell.angle_alpha   90.00
_cell.angle_beta   90.00
_cell.angle_gamma   90.00
#
_symmetry.space_group_name_H-M   'P 21 21 21'
#
loop_
_entity.id
_entity.type
_entity.pdbx_description
1 polymer ESSB
2 water water
#
_entity_poly.entity_id   1
_entity_poly.type   'polypeptide(L)'
_entity_poly.pdbx_seq_one_letter_code
;QDMLTPLDAEEAAKTKLRLDMREIPKSSIKPEHFHLMYLLEQHSPYFIDAELTELRDSFQIHYDINDNHTPFDNIKSFTK
NEKLRYLLNIKNLEEVNRTRYTFVLAPDELFFTRDGLPIAKTRGLQNVVDPLPVSEAEFLTRYKALVICAFNEKQSFDAL
VEGNLELHKGTPFETKVIEAATLDLLTAFLDEQYQKQEQDYSQNYAYVRKVGHTV
;
_entity_poly.pdbx_strand_id   A
#
# COMPACT_ATOMS: atom_id res chain seq x y z
N LEU A 19 -14.56 -3.77 3.09
CA LEU A 19 -13.18 -3.92 2.54
C LEU A 19 -13.15 -4.29 1.04
N ASP A 20 -14.25 -4.95 0.58
CA ASP A 20 -14.26 -5.30 -0.81
C ASP A 20 -15.11 -4.34 -1.63
N MET A 21 -15.78 -3.32 -1.07
N MET A 21 -15.71 -3.28 -1.13
CA MET A 21 -16.63 -2.34 -1.89
CA MET A 21 -16.41 -2.34 -2.04
C MET A 21 -16.07 -0.97 -1.54
C MET A 21 -16.49 -0.92 -1.49
N ARG A 22 -16.16 -0.04 -2.41
CA ARG A 22 -15.95 1.38 -2.23
C ARG A 22 -17.07 2.14 -2.89
N GLU A 23 -17.59 3.21 -2.25
CA GLU A 23 -18.58 4.07 -2.85
C GLU A 23 -18.01 5.45 -3.01
N ILE A 24 -18.21 6.02 -4.19
CA ILE A 24 -17.76 7.39 -4.55
C ILE A 24 -18.95 8.22 -4.88
N PRO A 25 -19.29 9.23 -4.08
CA PRO A 25 -20.50 10.07 -4.44
C PRO A 25 -20.23 10.81 -5.72
N LYS A 26 -21.23 10.91 -6.59
CA LYS A 26 -21.03 11.64 -7.85
C LYS A 26 -20.71 13.13 -7.66
N SER A 27 -21.29 13.76 -6.67
N SER A 27 -21.25 13.67 -6.57
CA SER A 27 -21.00 15.19 -6.54
CA SER A 27 -21.07 14.99 -6.00
C SER A 27 -19.58 15.42 -6.16
C SER A 27 -19.59 15.28 -5.80
N SER A 28 -18.84 14.41 -5.69
N SER A 28 -18.76 14.25 -5.59
CA SER A 28 -17.42 14.58 -5.36
CA SER A 28 -17.33 14.50 -5.36
C SER A 28 -16.58 14.66 -6.62
C SER A 28 -16.51 14.57 -6.63
N ILE A 29 -17.10 14.28 -7.78
CA ILE A 29 -16.40 14.17 -9.06
C ILE A 29 -16.88 15.32 -9.94
N LYS A 30 -15.96 16.11 -10.49
CA LYS A 30 -16.41 17.09 -11.51
C LYS A 30 -17.20 16.42 -12.61
N PRO A 31 -18.31 16.96 -13.08
CA PRO A 31 -19.03 16.30 -14.19
C PRO A 31 -18.15 16.01 -15.41
N GLU A 32 -17.18 16.89 -15.70
CA GLU A 32 -16.38 16.61 -16.85
C GLU A 32 -15.36 15.49 -16.63
N HIS A 33 -15.27 14.93 -15.45
CA HIS A 33 -14.42 13.84 -15.13
C HIS A 33 -15.20 12.53 -15.00
N PHE A 34 -16.54 12.51 -15.12
CA PHE A 34 -17.25 11.22 -15.04
C PHE A 34 -16.67 10.17 -15.98
N HIS A 35 -16.22 10.65 -17.17
CA HIS A 35 -15.80 9.76 -18.24
C HIS A 35 -14.41 9.23 -17.98
N LEU A 36 -13.83 9.59 -16.84
CA LEU A 36 -12.57 8.97 -16.48
C LEU A 36 -12.75 7.87 -15.46
N MET A 37 -13.98 7.72 -14.91
N MET A 37 -13.96 7.72 -14.93
CA MET A 37 -14.12 6.74 -13.81
CA MET A 37 -14.14 6.76 -13.84
C MET A 37 -13.81 5.33 -14.27
C MET A 37 -13.79 5.34 -14.27
N TYR A 38 -13.97 5.03 -15.55
CA TYR A 38 -13.64 3.72 -16.11
C TYR A 38 -12.18 3.37 -15.82
N LEU A 39 -11.29 4.36 -15.64
CA LEU A 39 -9.87 4.05 -15.33
C LEU A 39 -9.78 3.30 -14.04
N LEU A 40 -10.73 3.44 -13.13
CA LEU A 40 -10.64 2.74 -11.83
C LEU A 40 -10.89 1.26 -12.00
N GLU A 41 -11.40 0.80 -13.14
CA GLU A 41 -11.58 -0.61 -13.36
C GLU A 41 -10.68 -1.15 -14.46
N GLN A 42 -9.80 -0.33 -15.05
CA GLN A 42 -8.91 -0.81 -16.08
C GLN A 42 -7.81 -1.68 -15.45
N HIS A 43 -7.47 -2.80 -16.03
CA HIS A 43 -6.36 -3.57 -15.52
C HIS A 43 -5.09 -2.72 -15.44
N SER A 44 -4.38 -2.86 -14.31
CA SER A 44 -3.10 -2.25 -14.11
C SER A 44 -2.17 -3.27 -13.44
N PRO A 45 -0.92 -3.32 -13.84
CA PRO A 45 -0.01 -4.31 -13.17
C PRO A 45 0.24 -3.97 -11.72
N TYR A 46 -0.17 -2.81 -11.22
CA TYR A 46 0.11 -2.41 -9.86
C TYR A 46 -1.10 -2.44 -8.96
N PHE A 47 -2.27 -2.86 -9.44
CA PHE A 47 -3.47 -2.83 -8.65
C PHE A 47 -4.28 -4.13 -8.76
N ILE A 48 -4.97 -4.45 -7.70
CA ILE A 48 -6.04 -5.47 -7.68
C ILE A 48 -7.01 -5.11 -8.77
N ASP A 49 -7.48 -6.09 -9.52
CA ASP A 49 -8.53 -5.88 -10.50
C ASP A 49 -9.83 -5.44 -9.80
N ALA A 50 -10.57 -4.60 -10.49
CA ALA A 50 -11.73 -3.95 -9.92
C ALA A 50 -12.81 -3.83 -11.01
N GLU A 51 -14.02 -3.65 -10.52
N GLU A 51 -14.04 -3.67 -10.55
CA GLU A 51 -15.21 -3.55 -11.34
CA GLU A 51 -15.19 -3.47 -11.42
C GLU A 51 -15.98 -2.31 -10.95
C GLU A 51 -16.04 -2.30 -10.93
N LEU A 52 -16.38 -1.44 -11.87
CA LEU A 52 -17.14 -0.23 -11.64
C LEU A 52 -18.61 -0.40 -11.94
N THR A 53 -19.48 0.04 -11.06
CA THR A 53 -20.91 0.16 -11.31
C THR A 53 -21.28 1.62 -11.08
N GLU A 54 -22.37 2.04 -11.72
CA GLU A 54 -22.84 3.41 -11.63
C GLU A 54 -24.28 3.42 -11.19
N LEU A 55 -24.52 3.95 -9.99
CA LEU A 55 -25.82 4.06 -9.37
C LEU A 55 -26.40 5.43 -9.74
N ARG A 56 -27.57 5.77 -9.14
CA ARG A 56 -28.15 7.09 -9.44
C ARG A 56 -27.22 8.22 -9.05
N ASP A 57 -26.71 8.15 -7.81
CA ASP A 57 -25.99 9.29 -7.23
C ASP A 57 -24.55 8.95 -6.80
N SER A 58 -24.04 7.75 -7.16
CA SER A 58 -22.72 7.34 -6.78
C SER A 58 -22.18 6.37 -7.84
N PHE A 59 -20.87 6.14 -7.74
CA PHE A 59 -20.19 5.07 -8.36
C PHE A 59 -19.79 4.08 -7.28
N GLN A 60 -19.81 2.79 -7.58
CA GLN A 60 -19.30 1.79 -6.64
C GLN A 60 -18.22 0.97 -7.36
N ILE A 61 -17.22 0.58 -6.58
N ILE A 61 -17.26 0.56 -6.55
CA ILE A 61 -16.14 -0.29 -7.00
CA ILE A 61 -16.21 -0.30 -7.07
C ILE A 61 -16.18 -1.58 -6.17
C ILE A 61 -16.11 -1.55 -6.21
N HIS A 62 -16.08 -2.72 -6.84
CA HIS A 62 -15.86 -4.00 -6.16
C HIS A 62 -14.49 -4.51 -6.60
N TYR A 63 -13.77 -5.09 -5.62
CA TYR A 63 -12.46 -5.62 -5.88
C TYR A 63 -12.50 -7.13 -6.10
N ASP A 64 -11.71 -7.61 -7.05
N ASP A 64 -11.72 -7.55 -7.07
CA ASP A 64 -11.55 -9.05 -7.26
CA ASP A 64 -11.61 -8.96 -7.45
C ASP A 64 -10.39 -9.57 -6.42
C ASP A 64 -10.46 -9.65 -6.74
N ILE A 65 -10.70 -10.13 -5.26
N ILE A 65 -10.56 -9.77 -5.43
CA ILE A 65 -9.61 -10.55 -4.35
CA ILE A 65 -9.46 -10.35 -4.67
C ILE A 65 -9.73 -12.08 -4.35
C ILE A 65 -9.72 -11.87 -4.77
N ASN A 66 -8.83 -12.67 -5.15
N ASN A 66 -8.63 -12.60 -4.63
CA ASN A 66 -8.70 -14.09 -5.35
CA ASN A 66 -8.70 -14.04 -4.78
C ASN A 66 -7.30 -14.57 -4.99
C ASN A 66 -7.30 -14.61 -4.64
N ASP A 67 -7.18 -15.89 -4.98
CA ASP A 67 -6.11 -16.70 -4.52
C ASP A 67 -4.70 -16.38 -5.06
N ASN A 68 -4.66 -15.74 -6.20
CA ASN A 68 -3.33 -15.39 -6.74
C ASN A 68 -2.75 -14.15 -6.10
N HIS A 69 -3.48 -13.53 -5.19
CA HIS A 69 -3.03 -12.31 -4.53
C HIS A 69 -2.94 -12.60 -3.04
N THR A 70 -1.73 -12.49 -2.48
CA THR A 70 -1.43 -12.81 -1.09
C THR A 70 -1.45 -11.56 -0.26
N PRO A 71 -2.32 -11.45 0.75
CA PRO A 71 -2.30 -10.25 1.60
C PRO A 71 -0.97 -10.06 2.30
N PHE A 72 -0.61 -8.81 2.54
CA PHE A 72 0.62 -8.48 3.28
C PHE A 72 0.76 -9.29 4.56
N ASP A 73 -0.29 -9.36 5.36
N ASP A 73 -0.30 -9.40 5.35
CA ASP A 73 -0.12 -9.97 6.67
CA ASP A 73 -0.11 -9.99 6.68
C ASP A 73 0.30 -11.42 6.62
C ASP A 73 0.34 -11.43 6.60
N ASN A 74 0.11 -12.08 5.46
CA ASN A 74 0.55 -13.48 5.33
C ASN A 74 2.05 -13.63 5.39
N ILE A 75 2.82 -12.59 5.13
CA ILE A 75 4.27 -12.72 5.06
C ILE A 75 4.93 -12.81 6.45
N LYS A 76 4.18 -12.54 7.50
CA LYS A 76 4.76 -12.45 8.84
C LYS A 76 5.34 -13.76 9.32
N SER A 77 4.83 -14.89 8.81
CA SER A 77 5.30 -16.20 9.17
C SER A 77 6.31 -16.76 8.18
N PHE A 78 6.71 -15.98 7.18
CA PHE A 78 7.70 -16.45 6.20
C PHE A 78 9.06 -16.60 6.80
N THR A 79 9.88 -17.44 6.18
CA THR A 79 11.31 -17.45 6.43
C THR A 79 11.90 -16.08 6.24
N LYS A 80 12.97 -15.74 6.93
N LYS A 80 12.95 -15.79 6.96
CA LYS A 80 13.50 -14.39 6.88
CA LYS A 80 13.50 -14.44 6.93
C LYS A 80 13.89 -13.96 5.47
C LYS A 80 13.87 -14.05 5.50
N ASN A 81 14.66 -14.79 4.77
N ASN A 81 14.36 -14.99 4.68
CA ASN A 81 14.94 -14.60 3.35
CA ASN A 81 14.85 -14.45 3.41
C ASN A 81 13.70 -14.19 2.53
C ASN A 81 13.71 -14.19 2.44
N GLU A 82 12.64 -14.99 2.48
CA GLU A 82 11.48 -14.70 1.65
C GLU A 82 10.74 -13.49 2.17
N LYS A 83 10.67 -13.31 3.48
CA LYS A 83 10.09 -12.11 4.06
C LYS A 83 10.80 -10.87 3.58
N LEU A 84 12.12 -10.89 3.64
CA LEU A 84 12.93 -9.76 3.17
C LEU A 84 12.74 -9.52 1.68
N ARG A 85 12.66 -10.57 0.88
CA ARG A 85 12.46 -10.40 -0.56
C ARG A 85 11.15 -9.63 -0.81
N TYR A 86 10.07 -10.07 -0.18
CA TYR A 86 8.80 -9.42 -0.31
C TYR A 86 8.86 -7.98 0.17
N LEU A 87 9.46 -7.73 1.32
CA LEU A 87 9.57 -6.37 1.85
C LEU A 87 10.36 -5.46 0.92
N LEU A 88 11.47 -5.95 0.38
CA LEU A 88 12.27 -5.19 -0.56
C LEU A 88 11.46 -4.85 -1.80
N ASN A 89 10.63 -5.78 -2.25
CA ASN A 89 9.84 -5.54 -3.46
C ASN A 89 8.77 -4.49 -3.29
N ILE A 90 8.36 -4.16 -2.08
CA ILE A 90 7.29 -3.16 -1.87
C ILE A 90 7.60 -1.86 -2.56
N LYS A 91 8.87 -1.48 -2.61
N LYS A 91 8.88 -1.49 -2.61
CA LYS A 91 9.29 -0.21 -3.22
CA LYS A 91 9.28 -0.24 -3.23
C LYS A 91 8.86 -0.12 -4.67
C LYS A 91 8.78 -0.11 -4.66
N ASN A 92 8.56 -1.23 -5.34
CA ASN A 92 8.09 -1.22 -6.73
C ASN A 92 6.77 -0.44 -6.89
N LEU A 93 6.00 -0.28 -5.80
CA LEU A 93 4.80 0.56 -5.91
C LEU A 93 5.08 1.97 -6.27
N GLU A 94 6.29 2.45 -6.06
N GLU A 94 6.27 2.48 -6.06
N GLU A 94 6.31 2.41 -6.08
CA GLU A 94 6.68 3.79 -6.51
CA GLU A 94 6.48 3.87 -6.49
CA GLU A 94 6.98 3.61 -6.51
C GLU A 94 6.47 3.94 -8.00
C GLU A 94 6.41 3.95 -8.00
C GLU A 94 6.72 3.91 -8.00
N GLU A 95 6.43 2.86 -8.76
CA GLU A 95 6.17 2.95 -10.20
C GLU A 95 4.78 3.55 -10.45
N VAL A 96 3.88 3.49 -9.50
CA VAL A 96 2.53 4.04 -9.64
C VAL A 96 2.60 5.55 -9.75
N ASN A 97 3.60 6.19 -9.19
CA ASN A 97 3.65 7.64 -9.25
C ASN A 97 3.83 8.18 -10.65
N ARG A 98 4.20 7.32 -11.56
N ARG A 98 4.31 7.41 -11.61
CA ARG A 98 4.55 7.38 -12.96
CA ARG A 98 4.44 7.87 -13.01
C ARG A 98 3.35 7.00 -13.81
C ARG A 98 3.14 7.78 -13.79
N THR A 99 2.16 7.12 -13.22
CA THR A 99 0.88 6.97 -13.84
C THR A 99 -0.08 8.00 -13.29
N ARG A 100 -1.36 7.97 -13.67
N ARG A 100 -1.31 7.91 -13.79
CA ARG A 100 -2.29 8.96 -13.12
CA ARG A 100 -2.45 8.71 -13.41
C ARG A 100 -2.99 8.47 -11.86
C ARG A 100 -2.93 8.42 -11.99
N TYR A 101 -2.74 7.24 -11.50
CA TYR A 101 -3.24 6.60 -10.32
C TYR A 101 -2.49 7.03 -9.06
N THR A 102 -3.18 6.88 -7.93
CA THR A 102 -2.66 7.05 -6.59
C THR A 102 -3.04 5.79 -5.82
N PHE A 103 -2.33 5.61 -4.68
CA PHE A 103 -2.54 4.41 -3.86
C PHE A 103 -2.26 4.74 -2.41
N VAL A 104 -2.65 3.85 -1.52
CA VAL A 104 -2.42 3.92 -0.10
C VAL A 104 -1.50 2.77 0.30
N LEU A 105 -0.47 3.04 1.07
CA LEU A 105 0.44 1.99 1.57
C LEU A 105 0.01 1.59 2.96
N ALA A 106 -0.56 0.40 3.14
CA ALA A 106 -1.05 -0.07 4.43
C ALA A 106 -1.33 -1.56 4.34
N PRO A 107 -1.38 -2.26 5.47
CA PRO A 107 -1.60 -3.73 5.42
C PRO A 107 -2.82 -4.15 4.65
N ASP A 108 -3.94 -3.47 4.86
N ASP A 108 -3.97 -3.50 4.81
CA ASP A 108 -5.19 -3.86 4.20
CA ASP A 108 -5.19 -3.90 4.12
C ASP A 108 -5.29 -3.37 2.78
C ASP A 108 -5.20 -3.55 2.64
N GLU A 109 -4.28 -2.68 2.28
CA GLU A 109 -4.17 -2.12 0.96
C GLU A 109 -3.11 -2.83 0.11
N LEU A 110 -2.37 -3.73 0.68
CA LEU A 110 -1.20 -4.29 0.06
C LEU A 110 -1.34 -5.81 -0.08
N PHE A 111 -1.11 -6.26 -1.29
CA PHE A 111 -1.13 -7.66 -1.66
C PHE A 111 0.12 -7.97 -2.49
N PHE A 112 0.40 -9.25 -2.67
CA PHE A 112 1.54 -9.69 -3.48
C PHE A 112 1.11 -10.69 -4.51
N THR A 113 1.74 -10.57 -5.69
CA THR A 113 1.54 -11.60 -6.71
C THR A 113 2.28 -12.86 -6.34
N ARG A 114 2.14 -13.92 -7.14
N ARG A 114 2.12 -13.93 -7.13
CA ARG A 114 2.85 -15.18 -6.88
CA ARG A 114 2.82 -15.18 -6.91
C ARG A 114 4.36 -15.00 -6.96
C ARG A 114 4.34 -15.03 -7.02
N ASP A 115 4.82 -14.00 -7.71
CA ASP A 115 6.23 -13.65 -7.76
C ASP A 115 6.71 -12.77 -6.63
N GLY A 116 5.81 -12.36 -5.72
CA GLY A 116 6.23 -11.49 -4.63
C GLY A 116 6.31 -10.03 -4.98
N LEU A 117 5.63 -9.61 -6.03
CA LEU A 117 5.56 -8.19 -6.42
C LEU A 117 4.31 -7.58 -5.82
N PRO A 118 4.42 -6.29 -5.36
CA PRO A 118 3.33 -5.65 -4.62
C PRO A 118 2.25 -5.14 -5.57
N ILE A 119 1.04 -5.20 -5.03
N ILE A 119 1.00 -5.21 -5.13
CA ILE A 119 -0.20 -4.80 -5.68
CA ILE A 119 -0.11 -4.57 -5.84
C ILE A 119 -1.06 -4.03 -4.68
C ILE A 119 -1.00 -4.01 -4.74
N ALA A 120 -1.57 -2.86 -5.08
CA ALA A 120 -2.40 -2.08 -4.16
C ALA A 120 -3.87 -2.28 -4.48
N LYS A 121 -4.72 -1.92 -3.56
CA LYS A 121 -6.17 -2.08 -3.69
C LYS A 121 -6.88 -0.80 -4.12
N THR A 122 -7.07 0.15 -3.22
CA THR A 122 -7.75 1.39 -3.52
C THR A 122 -6.96 2.22 -4.52
N ARG A 123 -7.62 2.78 -5.52
CA ARG A 123 -6.97 3.65 -6.47
C ARG A 123 -7.62 5.04 -6.48
N GLY A 124 -6.80 6.07 -6.41
CA GLY A 124 -7.27 7.40 -6.80
C GLY A 124 -6.78 7.74 -8.17
N LEU A 125 -7.16 8.95 -8.62
CA LEU A 125 -6.74 9.49 -9.89
C LEU A 125 -6.33 10.92 -9.67
N GLN A 126 -5.09 11.24 -10.04
N GLN A 126 -5.12 11.22 -10.12
CA GLN A 126 -4.54 12.54 -9.67
CA GLN A 126 -4.59 12.56 -9.90
C GLN A 126 -5.37 13.64 -10.32
C GLN A 126 -5.55 13.61 -10.38
N ASN A 127 -5.82 14.57 -9.49
CA ASN A 127 -6.56 15.77 -9.87
C ASN A 127 -8.01 15.39 -10.13
N VAL A 128 -8.43 14.18 -9.80
CA VAL A 128 -9.76 13.73 -10.15
C VAL A 128 -10.56 13.13 -9.00
N VAL A 129 -9.93 12.15 -8.30
CA VAL A 129 -10.60 11.55 -7.15
C VAL A 129 -9.56 11.09 -6.16
N ASP A 130 -9.87 11.17 -4.89
CA ASP A 130 -9.04 10.71 -3.79
C ASP A 130 -8.85 9.21 -3.88
N PRO A 131 -7.83 8.61 -3.23
CA PRO A 131 -6.89 9.25 -2.32
C PRO A 131 -5.90 10.19 -3.02
N LEU A 132 -5.56 11.19 -2.20
CA LEU A 132 -4.45 12.00 -2.55
C LEU A 132 -3.13 11.27 -2.31
N PRO A 133 -2.15 11.61 -3.10
CA PRO A 133 -0.82 10.96 -2.77
C PRO A 133 -0.28 11.52 -1.48
N VAL A 134 0.60 10.78 -0.83
N VAL A 134 0.56 10.81 -0.74
CA VAL A 134 1.27 11.06 0.44
CA VAL A 134 1.09 11.51 0.44
C VAL A 134 2.69 11.55 0.18
C VAL A 134 2.56 11.78 0.12
N SER A 135 3.21 12.43 1.08
CA SER A 135 4.56 12.89 0.96
C SER A 135 5.49 11.67 0.95
N GLU A 136 6.69 11.94 0.40
N GLU A 136 6.66 11.95 0.34
CA GLU A 136 7.75 10.94 0.45
CA GLU A 136 7.74 10.96 0.47
C GLU A 136 8.06 10.59 1.91
C GLU A 136 8.00 10.59 1.91
N ALA A 137 7.97 11.55 2.83
CA ALA A 137 8.22 11.26 4.24
C ALA A 137 7.16 10.31 4.79
N GLU A 138 5.89 10.49 4.43
N GLU A 138 5.89 10.50 4.42
N GLU A 138 5.91 10.55 4.40
CA GLU A 138 4.86 9.61 4.96
CA GLU A 138 4.87 9.60 4.92
CA GLU A 138 4.79 9.70 4.80
C GLU A 138 4.88 8.25 4.29
C GLU A 138 4.99 8.19 4.34
C GLU A 138 5.04 8.27 4.33
N PHE A 139 5.29 8.12 3.04
CA PHE A 139 5.54 6.83 2.41
C PHE A 139 6.64 6.07 3.18
N LEU A 140 7.70 6.76 3.54
CA LEU A 140 8.78 6.14 4.30
C LEU A 140 8.31 5.68 5.66
N THR A 141 7.55 6.50 6.39
CA THR A 141 7.06 6.06 7.69
C THR A 141 6.22 4.80 7.55
N ARG A 142 5.32 4.80 6.56
CA ARG A 142 4.45 3.63 6.35
C ARG A 142 5.27 2.40 5.97
N TYR A 143 6.28 2.55 5.12
CA TYR A 143 7.14 1.43 4.76
C TYR A 143 7.86 0.86 5.98
N LYS A 144 8.40 1.75 6.82
CA LYS A 144 9.03 1.35 8.04
C LYS A 144 8.08 0.54 8.92
N ALA A 145 6.84 1.04 9.04
CA ALA A 145 5.85 0.37 9.85
C ALA A 145 5.55 -1.03 9.31
N LEU A 146 5.46 -1.18 8.00
CA LEU A 146 5.28 -2.50 7.41
C LEU A 146 6.44 -3.44 7.75
N VAL A 147 7.68 -2.94 7.66
CA VAL A 147 8.83 -3.77 8.00
C VAL A 147 8.74 -4.24 9.45
N ILE A 148 8.45 -3.30 10.37
CA ILE A 148 8.35 -3.64 11.78
C ILE A 148 7.29 -4.68 12.00
N CYS A 149 6.11 -4.48 11.39
CA CYS A 149 5.00 -5.44 11.54
C CYS A 149 5.35 -6.80 11.00
N ALA A 150 6.08 -6.85 9.86
CA ALA A 150 6.44 -8.13 9.27
C ALA A 150 7.34 -8.93 10.21
N PHE A 151 8.15 -8.26 11.01
CA PHE A 151 9.09 -8.90 11.93
C PHE A 151 8.52 -9.11 13.34
N ASN A 152 7.34 -8.60 13.64
CA ASN A 152 6.74 -8.83 14.95
C ASN A 152 5.24 -8.76 14.77
N GLU A 153 4.58 -9.93 14.77
N GLU A 153 4.58 -9.92 14.78
CA GLU A 153 3.17 -10.01 14.50
CA GLU A 153 3.17 -10.12 14.59
C GLU A 153 2.30 -9.33 15.56
C GLU A 153 2.27 -9.48 15.64
N LYS A 154 2.86 -9.05 16.73
N LYS A 154 2.86 -8.97 16.72
CA LYS A 154 2.14 -8.35 17.79
CA LYS A 154 2.02 -8.31 17.72
C LYS A 154 1.95 -6.86 17.51
C LYS A 154 1.86 -6.82 17.45
N GLN A 155 2.76 -6.25 16.62
CA GLN A 155 2.75 -4.82 16.41
C GLN A 155 1.54 -4.38 15.57
N SER A 156 1.05 -3.20 15.87
N SER A 156 1.01 -3.21 15.89
CA SER A 156 0.01 -2.52 15.15
CA SER A 156 -0.03 -2.65 15.03
C SER A 156 0.58 -1.48 14.18
C SER A 156 0.52 -1.52 14.17
N PHE A 157 0.31 -1.69 12.87
CA PHE A 157 0.67 -0.71 11.86
C PHE A 157 0.14 0.67 12.20
N ASP A 158 -1.16 0.73 12.51
N ASP A 158 -1.16 0.75 12.53
CA ASP A 158 -1.79 2.00 12.83
CA ASP A 158 -1.78 2.04 12.80
C ASP A 158 -1.09 2.69 13.97
C ASP A 158 -1.17 2.71 14.02
N ALA A 159 -0.81 1.94 15.05
CA ALA A 159 -0.16 2.56 16.20
C ALA A 159 1.18 3.13 15.83
N LEU A 160 1.95 2.42 14.97
CA LEU A 160 3.24 2.90 14.54
C LEU A 160 3.14 4.14 13.69
N VAL A 161 2.21 4.19 12.78
N VAL A 161 2.22 4.21 12.75
CA VAL A 161 2.05 5.33 11.87
CA VAL A 161 2.16 5.39 11.89
C VAL A 161 1.54 6.56 12.62
C VAL A 161 1.44 6.56 12.56
N GLU A 162 0.71 6.37 13.64
N GLU A 162 0.76 6.36 13.69
CA GLU A 162 0.07 7.39 14.46
CA GLU A 162 0.10 7.47 14.37
C GLU A 162 0.91 7.88 15.63
C GLU A 162 0.89 7.92 15.61
N GLY A 163 1.97 7.23 15.98
CA GLY A 163 2.73 7.56 17.15
C GLY A 163 3.87 8.52 16.86
N ASN A 164 4.59 8.86 17.90
CA ASN A 164 5.86 9.59 17.81
C ASN A 164 6.89 8.53 17.57
N LEU A 165 7.26 8.31 16.34
CA LEU A 165 8.00 7.09 15.96
C LEU A 165 9.33 6.98 16.66
N GLU A 166 10.08 8.09 16.83
CA GLU A 166 11.37 7.97 17.45
C GLU A 166 11.28 7.70 18.93
N LEU A 167 10.13 7.87 19.57
CA LEU A 167 9.94 7.49 20.96
C LEU A 167 9.49 6.03 21.09
N HIS A 168 9.42 5.27 20.00
CA HIS A 168 9.04 3.87 20.08
C HIS A 168 9.97 3.10 20.99
N LYS A 169 9.36 2.24 21.81
CA LYS A 169 10.10 1.28 22.65
C LYS A 169 9.91 -0.09 22.04
N GLY A 170 11.02 -0.73 21.73
CA GLY A 170 11.02 -2.01 21.01
C GLY A 170 12.39 -2.61 20.96
N THR A 171 12.67 -3.34 19.90
CA THR A 171 13.89 -4.08 19.78
C THR A 171 14.94 -3.23 19.08
N PRO A 172 16.20 -3.61 19.17
CA PRO A 172 17.24 -2.93 18.39
C PRO A 172 16.98 -2.94 16.89
N PHE A 173 16.46 -4.01 16.34
CA PHE A 173 16.09 -4.04 14.92
C PHE A 173 15.10 -2.92 14.57
N GLU A 174 14.12 -2.69 15.38
CA GLU A 174 13.07 -1.74 15.18
C GLU A 174 13.68 -0.37 15.24
N THR A 175 14.59 -0.10 16.15
CA THR A 175 15.26 1.23 16.16
C THR A 175 16.00 1.49 14.86
N LYS A 176 16.73 0.48 14.35
CA LYS A 176 17.48 0.67 13.12
C LYS A 176 16.55 0.99 11.96
N VAL A 177 15.38 0.29 11.90
CA VAL A 177 14.41 0.57 10.86
C VAL A 177 13.93 2.03 10.99
N ILE A 178 13.56 2.44 12.18
CA ILE A 178 13.02 3.74 12.44
C ILE A 178 14.00 4.83 12.10
N GLU A 179 15.27 4.58 12.36
N GLU A 179 15.28 4.64 12.34
CA GLU A 179 16.29 5.61 12.14
CA GLU A 179 16.26 5.71 12.12
C GLU A 179 16.72 5.70 10.70
C GLU A 179 16.82 5.68 10.70
N ALA A 180 16.41 4.77 9.83
CA ALA A 180 16.86 4.86 8.42
C ALA A 180 16.47 6.17 7.84
N ALA A 181 17.41 6.94 7.32
CA ALA A 181 17.13 8.34 7.11
C ALA A 181 16.29 8.58 5.87
N THR A 182 16.45 7.69 4.90
CA THR A 182 15.80 7.86 3.60
C THR A 182 15.34 6.47 3.13
N LEU A 183 14.53 6.50 2.08
CA LEU A 183 14.10 5.27 1.46
C LEU A 183 15.24 4.43 0.98
N ASP A 184 16.22 5.04 0.30
CA ASP A 184 17.37 4.29 -0.14
C ASP A 184 18.13 3.64 1.01
N LEU A 185 18.31 4.24 2.14
CA LEU A 185 19.00 3.74 3.30
C LEU A 185 18.13 2.67 3.95
N LEU A 186 16.81 2.75 3.92
CA LEU A 186 16.00 1.64 4.40
C LEU A 186 16.23 0.42 3.52
N THR A 187 16.24 0.60 2.21
CA THR A 187 16.53 -0.50 1.26
C THR A 187 17.85 -1.13 1.60
N ALA A 188 18.85 -0.32 1.85
CA ALA A 188 20.20 -0.79 2.11
C ALA A 188 20.24 -1.58 3.39
N PHE A 189 19.50 -1.11 4.39
CA PHE A 189 19.38 -1.87 5.64
C PHE A 189 18.76 -3.24 5.40
N LEU A 190 17.64 -3.25 4.65
CA LEU A 190 16.96 -4.54 4.37
C LEU A 190 17.88 -5.47 3.61
N ASP A 191 18.61 -4.94 2.61
CA ASP A 191 19.52 -5.81 1.85
C ASP A 191 20.58 -6.43 2.73
N GLU A 192 21.09 -5.60 3.72
CA GLU A 192 22.10 -6.03 4.65
C GLU A 192 21.60 -7.17 5.56
N GLN A 193 20.30 -7.30 5.85
N GLN A 193 20.31 -7.12 5.84
CA GLN A 193 19.76 -8.28 6.76
CA GLN A 193 19.66 -8.18 6.58
C GLN A 193 19.80 -9.72 6.18
C GLN A 193 19.49 -9.36 5.61
N TYR A 194 20.00 -9.87 4.87
N TYR A 194 19.15 -9.07 4.35
CA TYR A 194 20.26 -11.20 4.33
CA TYR A 194 18.94 -10.19 3.40
C TYR A 194 21.48 -11.81 5.03
C TYR A 194 20.18 -11.00 3.17
#